data_9D9I
#
_entry.id   9D9I
#
_cell.length_a   66.794
_cell.length_b   90.524
_cell.length_c   97.451
_cell.angle_alpha   90
_cell.angle_beta   90
_cell.angle_gamma   90
#
_symmetry.space_group_name_H-M   'I 2 2 2'
#
loop_
_entity.id
_entity.type
_entity.pdbx_description
1 polymer 'Heat shock protein HSP 90-beta'
2 non-polymer (1P)-3-amino-6-[({1-[(2R)-2-(2,4-difluorophenyl)-2-hydroxy-3-(1H-1,2,4-triazol-1-yl)propyl]piperidin-4-yl}amino)methyl]-1-(4-phenyl-3,4-dihydro-2H-1,4-benzoxazin-6-yl)thieno[2,3-b]pyrazin-2(1H)-one
3 non-polymer 'CHLORIDE ION'
4 water water
#
_entity_poly.entity_id   1
_entity_poly.type   'polypeptide(L)'
_entity_poly.pdbx_seq_one_letter_code
;GMPEEVHHGEEEVETFAFQAEIAQLMSLIINTFYSNKEIFLRELISNASDALDKIRYESLTDPSKLDSGKELKIDIIPNP
QERTLTLVDTGIGMTKADLINNLGTIAKSGTKAFMEALQAGADISMIGQFGVGFYSAYLVAEKVVVITKHNDDEQYAWES
SAGGSFTVRADHGEPIGRGTKVILHLKEDQTEYLEERRVKEVVKKHSQFIGYPITLYLEKEREK
;
_entity_poly.pdbx_strand_id   A
#
loop_
_chem_comp.id
_chem_comp.type
_chem_comp.name
_chem_comp.formula
A1A24 non-polymer (1P)-3-amino-6-[({1-[(2R)-2-(2,4-difluorophenyl)-2-hydroxy-3-(1H-1,2,4-triazol-1-yl)propyl]piperidin-4-yl}amino)methyl]-1-(4-phenyl-3,4-dihydro-2H-1,4-benzoxazin-6-yl)thieno[2,3-b]pyrazin-2(1H)-one 'C37 H37 F2 N9 O3 S'
CL non-polymer 'CHLORIDE ION' 'Cl -1'
#
# COMPACT_ATOMS: atom_id res chain seq x y z
N GLU A 11 0.53 -0.33 -21.70
CA GLU A 11 0.83 -1.09 -22.96
C GLU A 11 0.55 -2.58 -22.68
N GLU A 12 1.57 -3.46 -22.72
CA GLU A 12 1.36 -4.89 -22.59
C GLU A 12 1.19 -5.25 -21.11
N VAL A 13 0.15 -6.00 -20.79
CA VAL A 13 -0.10 -6.42 -19.41
C VAL A 13 0.60 -7.76 -19.17
N GLU A 14 1.44 -7.87 -18.15
CA GLU A 14 2.07 -9.14 -17.82
C GLU A 14 1.39 -9.66 -16.55
N THR A 15 1.13 -10.97 -16.52
CA THR A 15 0.49 -11.61 -15.39
C THR A 15 1.47 -12.54 -14.69
N PHE A 16 1.45 -12.52 -13.35
CA PHE A 16 2.38 -13.31 -12.57
C PHE A 16 1.62 -13.97 -11.41
N ALA A 17 2.16 -15.10 -10.93
CA ALA A 17 1.63 -15.78 -9.77
C ALA A 17 2.34 -15.26 -8.53
N PHE A 18 1.62 -14.97 -7.46
CA PHE A 18 2.32 -14.75 -6.19
C PHE A 18 3.09 -16.02 -5.79
N GLN A 19 4.15 -15.86 -5.03
N GLN A 19 4.15 -15.80 -5.01
CA GLN A 19 4.70 -17.06 -4.40
CA GLN A 19 4.75 -16.91 -4.24
C GLN A 19 3.64 -17.67 -3.51
C GLN A 19 3.61 -17.66 -3.52
N ALA A 20 3.70 -19.00 -3.40
CA ALA A 20 2.64 -19.79 -2.78
C ALA A 20 2.35 -19.29 -1.36
N GLU A 21 3.40 -18.92 -0.62
CA GLU A 21 3.26 -18.49 0.75
C GLU A 21 2.48 -17.18 0.82
N ILE A 22 2.71 -16.25 -0.14
CA ILE A 22 2.03 -14.99 -0.18
C ILE A 22 0.57 -15.19 -0.56
N ALA A 23 0.28 -16.07 -1.55
CA ALA A 23 -1.09 -16.39 -1.86
C ALA A 23 -1.83 -16.97 -0.66
N GLN A 24 -1.16 -17.83 0.09
CA GLN A 24 -1.75 -18.41 1.29
C GLN A 24 -2.04 -17.34 2.33
N LEU A 25 -1.14 -16.40 2.52
CA LEU A 25 -1.40 -15.29 3.44
C LEU A 25 -2.61 -14.47 2.98
N MET A 26 -2.67 -14.16 1.68
CA MET A 26 -3.81 -13.39 1.18
C MET A 26 -5.12 -14.10 1.43
N SER A 27 -5.14 -15.42 1.15
CA SER A 27 -6.33 -16.22 1.45
C SER A 27 -6.70 -16.18 2.92
N LEU A 28 -5.72 -16.28 3.81
CA LEU A 28 -6.01 -16.22 5.23
C LEU A 28 -6.63 -14.87 5.59
N ILE A 29 -6.05 -13.80 5.05
CA ILE A 29 -6.57 -12.46 5.29
C ILE A 29 -8.00 -12.34 4.80
N ILE A 30 -8.28 -12.88 3.62
CA ILE A 30 -9.60 -12.80 3.04
C ILE A 30 -10.64 -13.70 3.71
N ASN A 31 -10.22 -14.88 4.18
CA ASN A 31 -11.19 -15.87 4.64
C ASN A 31 -11.39 -15.90 6.16
N THR A 32 -10.42 -15.44 6.95
CA THR A 32 -10.48 -15.52 8.41
C THR A 32 -11.52 -14.53 8.93
N PHE A 33 -12.35 -15.00 9.87
CA PHE A 33 -13.26 -14.10 10.57
C PHE A 33 -12.45 -13.27 11.55
N TYR A 34 -12.43 -11.95 11.33
N TYR A 34 -12.46 -11.95 11.35
CA TYR A 34 -11.63 -11.00 12.07
CA TYR A 34 -11.63 -11.03 12.10
C TYR A 34 -12.27 -9.63 11.92
C TYR A 34 -12.19 -9.61 11.95
N SER A 35 -12.83 -9.10 13.03
CA SER A 35 -13.64 -7.89 12.96
C SER A 35 -12.78 -6.64 12.91
N ASN A 36 -11.56 -6.64 13.44
CA ASN A 36 -10.75 -5.43 13.62
C ASN A 36 -10.03 -5.05 12.32
N LYS A 37 -10.82 -4.83 11.27
CA LYS A 37 -10.25 -4.62 9.94
C LYS A 37 -9.53 -3.27 9.80
N GLU A 38 -9.81 -2.30 10.66
CA GLU A 38 -9.32 -0.93 10.51
C GLU A 38 -7.79 -0.86 10.53
N ILE A 39 -7.12 -1.91 11.07
CA ILE A 39 -5.67 -1.92 11.11
C ILE A 39 -5.04 -1.78 9.73
N PHE A 40 -5.79 -2.00 8.64
CA PHE A 40 -5.21 -1.88 7.31
C PHE A 40 -4.63 -0.48 7.14
N LEU A 41 -5.30 0.55 7.69
CA LEU A 41 -4.90 1.92 7.41
C LEU A 41 -3.57 2.23 8.06
N ARG A 42 -3.35 1.80 9.30
CA ARG A 42 -2.07 1.97 9.97
C ARG A 42 -0.95 1.33 9.16
N GLU A 43 -1.20 0.12 8.64
CA GLU A 43 -0.17 -0.62 7.94
C GLU A 43 0.20 0.10 6.64
N LEU A 44 -0.80 0.60 5.91
CA LEU A 44 -0.48 1.26 4.64
C LEU A 44 0.21 2.61 4.90
N ILE A 45 -0.24 3.34 5.91
CA ILE A 45 0.42 4.58 6.35
C ILE A 45 1.87 4.32 6.75
N SER A 46 2.09 3.25 7.51
N SER A 46 2.12 3.24 7.47
CA SER A 46 3.45 2.88 7.90
CA SER A 46 3.48 2.93 7.88
C SER A 46 4.33 2.67 6.67
C SER A 46 4.37 2.64 6.67
N ASN A 47 3.83 1.93 5.68
CA ASN A 47 4.60 1.68 4.47
C ASN A 47 4.90 2.99 3.74
N ALA A 48 3.91 3.89 3.70
CA ALA A 48 4.09 5.19 3.04
C ALA A 48 5.18 5.98 3.78
N SER A 49 5.11 6.01 5.12
CA SER A 49 6.12 6.68 5.95
C SER A 49 7.50 6.10 5.68
N ASP A 50 7.62 4.77 5.61
CA ASP A 50 8.92 4.14 5.34
C ASP A 50 9.48 4.58 3.98
N ALA A 51 8.61 4.71 2.96
CA ALA A 51 9.03 5.13 1.63
C ALA A 51 9.52 6.59 1.65
N LEU A 52 8.83 7.42 2.43
CA LEU A 52 9.21 8.82 2.59
C LEU A 52 10.54 8.93 3.30
N ASP A 53 10.73 8.14 4.36
CA ASP A 53 12.00 8.09 5.08
C ASP A 53 13.15 7.77 4.10
N LYS A 54 12.92 6.83 3.18
CA LYS A 54 14.01 6.40 2.31
C LYS A 54 14.40 7.53 1.36
N ILE A 55 13.44 8.21 0.70
CA ILE A 55 13.83 9.26 -0.21
C ILE A 55 14.48 10.41 0.59
N ARG A 56 13.95 10.71 1.79
N ARG A 56 13.95 10.71 1.77
CA ARG A 56 14.52 11.73 2.65
CA ARG A 56 14.56 11.74 2.57
C ARG A 56 16.00 11.42 2.89
C ARG A 56 16.02 11.41 2.83
N TYR A 57 16.29 10.17 3.27
CA TYR A 57 17.67 9.80 3.58
C TYR A 57 18.55 9.86 2.34
N GLU A 58 18.11 9.30 1.23
CA GLU A 58 18.92 9.30 0.01
C GLU A 58 19.18 10.73 -0.47
N SER A 59 18.22 11.62 -0.27
CA SER A 59 18.35 12.99 -0.74
C SER A 59 19.48 13.72 -0.01
N LEU A 60 19.90 13.27 1.18
CA LEU A 60 21.02 13.93 1.86
C LEU A 60 22.38 13.74 1.18
N THR A 61 22.62 12.63 0.50
CA THR A 61 23.83 12.46 -0.28
C THR A 61 23.62 12.81 -1.74
N ASP A 62 22.38 12.82 -2.26
CA ASP A 62 22.12 13.18 -3.66
C ASP A 62 20.87 14.04 -3.70
N PRO A 63 20.97 15.36 -3.52
CA PRO A 63 19.81 16.24 -3.53
C PRO A 63 18.98 16.22 -4.81
N SER A 64 19.58 15.78 -5.92
CA SER A 64 18.90 15.74 -7.21
C SER A 64 17.77 14.71 -7.19
N LYS A 65 17.81 13.81 -6.21
CA LYS A 65 16.74 12.83 -6.09
C LYS A 65 15.38 13.44 -5.79
N LEU A 66 15.31 14.70 -5.34
CA LEU A 66 14.08 15.41 -5.10
C LEU A 66 13.67 16.26 -6.32
N ASP A 67 14.38 16.16 -7.42
CA ASP A 67 14.02 16.90 -8.63
C ASP A 67 12.64 16.47 -9.13
N SER A 68 12.24 15.23 -8.80
CA SER A 68 10.94 14.68 -9.16
C SER A 68 9.82 15.10 -8.21
N GLY A 69 10.12 15.88 -7.17
CA GLY A 69 9.12 16.39 -6.25
C GLY A 69 9.71 16.63 -4.88
N LYS A 70 9.73 17.88 -4.41
CA LYS A 70 10.33 18.18 -3.13
C LYS A 70 9.49 17.80 -1.92
N GLU A 71 8.15 17.84 -2.04
N GLU A 71 8.15 17.91 -2.05
CA GLU A 71 7.28 17.74 -0.88
CA GLU A 71 7.21 17.66 -0.97
C GLU A 71 7.13 16.26 -0.49
C GLU A 71 7.32 16.20 -0.53
N LEU A 72 7.35 15.97 0.79
CA LEU A 72 7.25 14.64 1.37
C LEU A 72 5.96 14.57 2.17
N LYS A 73 4.95 13.85 1.65
CA LYS A 73 3.61 13.91 2.18
C LYS A 73 2.84 12.64 1.92
N ILE A 74 1.73 12.50 2.66
CA ILE A 74 0.78 11.40 2.53
C ILE A 74 -0.61 12.03 2.39
N ASP A 75 -1.35 11.61 1.33
CA ASP A 75 -2.70 12.07 1.11
C ASP A 75 -3.63 10.88 1.16
N ILE A 76 -4.79 10.99 1.83
CA ILE A 76 -5.78 9.92 1.90
C ILE A 76 -7.07 10.47 1.28
N ILE A 77 -7.51 9.83 0.19
CA ILE A 77 -8.53 10.39 -0.66
C ILE A 77 -9.68 9.40 -0.82
N PRO A 78 -10.86 9.67 -0.24
CA PRO A 78 -12.03 8.81 -0.46
C PRO A 78 -12.76 9.23 -1.71
N ASN A 79 -13.29 8.29 -2.48
CA ASN A 79 -14.13 8.60 -3.63
C ASN A 79 -15.36 7.69 -3.60
N PRO A 80 -16.49 8.17 -3.06
CA PRO A 80 -17.66 7.32 -2.92
C PRO A 80 -18.27 6.88 -4.24
N GLN A 81 -18.15 7.68 -5.31
CA GLN A 81 -18.66 7.30 -6.62
C GLN A 81 -17.94 6.10 -7.18
N GLU A 82 -16.61 6.01 -6.97
CA GLU A 82 -15.83 4.88 -7.44
C GLU A 82 -15.62 3.81 -6.36
N ARG A 83 -16.06 4.09 -5.12
N ARG A 83 -16.07 4.07 -5.11
CA ARG A 83 -15.87 3.17 -4.00
CA ARG A 83 -15.88 3.14 -4.00
C ARG A 83 -14.39 2.84 -3.82
C ARG A 83 -14.40 2.84 -3.82
N THR A 84 -13.56 3.88 -3.86
CA THR A 84 -12.13 3.76 -3.63
C THR A 84 -11.68 4.64 -2.48
N LEU A 85 -10.69 4.12 -1.74
CA LEU A 85 -9.88 4.89 -0.81
C LEU A 85 -8.44 4.80 -1.32
N THR A 86 -7.84 5.95 -1.57
CA THR A 86 -6.52 6.05 -2.14
C THR A 86 -5.56 6.63 -1.11
N LEU A 87 -4.39 5.98 -0.95
CA LEU A 87 -3.31 6.52 -0.14
C LEU A 87 -2.14 6.82 -1.03
N VAL A 88 -1.86 8.13 -1.17
CA VAL A 88 -0.84 8.62 -2.06
C VAL A 88 0.34 9.07 -1.22
N ASP A 89 1.55 8.57 -1.53
CA ASP A 89 2.74 9.13 -0.90
C ASP A 89 3.70 9.62 -1.97
N THR A 90 4.58 10.55 -1.59
CA THR A 90 5.67 11.03 -2.44
C THR A 90 7.00 10.43 -2.03
N GLY A 91 6.97 9.17 -1.59
CA GLY A 91 8.16 8.44 -1.19
C GLY A 91 9.01 7.99 -2.36
N ILE A 92 9.91 7.03 -2.06
CA ILE A 92 10.94 6.60 -3.00
C ILE A 92 10.36 5.89 -4.23
N GLY A 93 9.19 5.27 -4.09
CA GLY A 93 8.65 4.54 -5.21
C GLY A 93 9.26 3.16 -5.42
N MET A 94 8.59 2.37 -6.24
CA MET A 94 9.01 1.02 -6.59
C MET A 94 9.45 0.86 -8.02
N THR A 95 10.57 0.14 -8.19
CA THR A 95 11.00 -0.27 -9.51
C THR A 95 10.16 -1.46 -10.00
N LYS A 96 10.29 -1.75 -11.31
CA LYS A 96 9.68 -2.95 -11.88
C LYS A 96 10.13 -4.21 -11.15
N ALA A 97 11.43 -4.32 -10.82
CA ALA A 97 11.93 -5.49 -10.14
C ALA A 97 11.35 -5.62 -8.74
N ASP A 98 11.18 -4.47 -8.06
CA ASP A 98 10.51 -4.49 -6.77
C ASP A 98 9.09 -5.05 -6.83
N LEU A 99 8.30 -4.54 -7.82
CA LEU A 99 6.93 -4.99 -7.98
C LEU A 99 6.77 -6.45 -8.31
N ILE A 100 7.61 -6.96 -9.21
CA ILE A 100 7.42 -8.31 -9.72
C ILE A 100 8.03 -9.34 -8.81
N ASN A 101 9.21 -9.05 -8.25
CA ASN A 101 9.96 -10.11 -7.62
C ASN A 101 10.52 -9.77 -6.24
N ASN A 102 11.23 -8.64 -6.14
CA ASN A 102 12.13 -8.49 -5.00
C ASN A 102 11.39 -8.29 -3.68
N LEU A 103 10.32 -7.51 -3.64
CA LEU A 103 9.56 -7.34 -2.40
C LEU A 103 8.90 -8.62 -1.95
N GLY A 104 8.30 -9.35 -2.89
CA GLY A 104 7.66 -10.60 -2.49
C GLY A 104 8.68 -11.62 -2.02
N THR A 105 9.89 -11.62 -2.59
CA THR A 105 10.97 -12.51 -2.14
C THR A 105 11.27 -12.28 -0.66
N ILE A 106 11.40 -11.00 -0.28
CA ILE A 106 11.65 -10.68 1.12
C ILE A 106 10.45 -11.01 1.98
N ALA A 107 9.24 -10.79 1.47
CA ALA A 107 8.01 -11.01 2.18
C ALA A 107 7.80 -12.48 2.54
N LYS A 108 8.48 -13.42 1.86
CA LYS A 108 8.32 -14.83 2.22
C LYS A 108 8.69 -15.17 3.65
N SER A 109 9.84 -14.69 4.10
CA SER A 109 10.29 -14.99 5.44
C SER A 109 9.35 -14.41 6.47
N GLY A 110 8.85 -13.16 6.25
CA GLY A 110 7.98 -12.58 7.25
C GLY A 110 6.59 -13.25 7.22
N THR A 111 6.11 -13.62 6.03
CA THR A 111 4.86 -14.38 5.96
C THR A 111 4.96 -15.67 6.76
N LYS A 112 6.06 -16.41 6.60
CA LYS A 112 6.21 -17.66 7.35
C LYS A 112 6.20 -17.43 8.85
N ALA A 113 6.98 -16.45 9.32
CA ALA A 113 7.01 -16.12 10.72
C ALA A 113 5.63 -15.69 11.23
N PHE A 114 4.93 -14.85 10.44
CA PHE A 114 3.59 -14.44 10.84
C PHE A 114 2.61 -15.60 10.96
N MET A 115 2.57 -16.49 9.97
N MET A 115 2.62 -16.51 9.98
CA MET A 115 1.67 -17.64 10.00
CA MET A 115 1.66 -17.61 9.91
C MET A 115 1.91 -18.50 11.22
C MET A 115 1.93 -18.61 11.05
N GLU A 116 3.19 -18.75 11.47
CA GLU A 116 3.59 -19.50 12.67
C GLU A 116 3.08 -18.81 13.91
N ALA A 117 3.24 -17.47 13.98
CA ALA A 117 2.81 -16.71 15.15
C ALA A 117 1.29 -16.80 15.33
N LEU A 118 0.54 -16.75 14.23
CA LEU A 118 -0.90 -16.96 14.26
C LEU A 118 -1.25 -18.33 14.84
N GLN A 119 -0.55 -19.39 14.43
CA GLN A 119 -0.84 -20.71 14.96
C GLN A 119 -0.56 -20.78 16.45
N ALA A 120 0.46 -20.02 16.93
CA ALA A 120 0.83 -19.97 18.32
C ALA A 120 0.05 -18.95 19.16
N GLY A 121 -0.94 -18.23 18.58
CA GLY A 121 -1.84 -17.39 19.37
C GLY A 121 -1.82 -15.90 19.02
N ALA A 122 -0.94 -15.45 18.10
CA ALA A 122 -0.98 -14.06 17.65
C ALA A 122 -2.29 -13.80 16.93
N ASP A 123 -2.61 -12.52 16.72
N ASP A 123 -2.50 -12.49 16.64
CA ASP A 123 -3.77 -12.16 15.92
CA ASP A 123 -3.70 -11.90 16.11
C ASP A 123 -3.30 -11.33 14.74
C ASP A 123 -3.32 -11.22 14.80
N ILE A 124 -4.25 -11.15 13.83
CA ILE A 124 -3.98 -10.50 12.55
C ILE A 124 -3.48 -9.06 12.72
N SER A 125 -3.81 -8.34 13.82
CA SER A 125 -3.31 -6.98 14.01
C SER A 125 -1.79 -6.90 14.20
N MET A 126 -1.13 -8.04 14.48
CA MET A 126 0.32 -8.06 14.62
C MET A 126 1.07 -8.20 13.29
N ILE A 127 0.37 -8.17 12.13
CA ILE A 127 0.98 -8.40 10.83
C ILE A 127 2.18 -7.48 10.58
N GLY A 128 2.10 -6.22 11.03
CA GLY A 128 3.17 -5.27 10.79
C GLY A 128 4.46 -5.61 11.54
N GLN A 129 4.37 -6.35 12.64
CA GLN A 129 5.55 -6.83 13.37
C GLN A 129 6.38 -7.79 12.52
N PHE A 130 5.82 -8.29 11.39
CA PHE A 130 6.46 -9.25 10.52
C PHE A 130 6.85 -8.67 9.19
N GLY A 131 6.52 -7.38 8.92
CA GLY A 131 6.96 -6.78 7.69
C GLY A 131 6.05 -6.99 6.48
N VAL A 132 4.81 -7.51 6.64
CA VAL A 132 3.99 -7.91 5.53
C VAL A 132 2.61 -7.24 5.61
N GLY A 133 2.58 -6.08 6.28
CA GLY A 133 1.34 -5.35 6.47
C GLY A 133 0.62 -4.90 5.21
N PHE A 134 1.31 -4.75 4.07
CA PHE A 134 0.64 -4.36 2.83
C PHE A 134 -0.57 -5.26 2.59
N TYR A 135 -0.42 -6.57 2.82
CA TYR A 135 -1.45 -7.51 2.40
C TYR A 135 -2.73 -7.37 3.22
N SER A 136 -2.64 -6.68 4.39
CA SER A 136 -3.84 -6.34 5.14
C SER A 136 -4.81 -5.45 4.37
N ALA A 137 -4.37 -4.85 3.24
CA ALA A 137 -5.33 -4.16 2.40
C ALA A 137 -6.54 -5.04 2.02
N TYR A 138 -6.30 -6.33 1.92
CA TYR A 138 -7.35 -7.26 1.50
C TYR A 138 -8.36 -7.55 2.61
N LEU A 139 -8.18 -7.00 3.81
CA LEU A 139 -9.24 -7.00 4.80
C LEU A 139 -10.41 -6.17 4.34
N VAL A 140 -10.16 -5.11 3.53
CA VAL A 140 -11.21 -4.20 3.14
C VAL A 140 -11.38 -4.06 1.63
N ALA A 141 -10.37 -4.43 0.84
CA ALA A 141 -10.43 -4.22 -0.60
C ALA A 141 -10.64 -5.53 -1.32
N GLU A 142 -11.52 -5.47 -2.31
CA GLU A 142 -11.66 -6.60 -3.24
C GLU A 142 -10.60 -6.58 -4.34
N LYS A 143 -10.05 -5.40 -4.66
CA LYS A 143 -9.06 -5.18 -5.67
C LYS A 143 -8.17 -4.04 -5.19
N VAL A 144 -6.86 -4.19 -5.40
CA VAL A 144 -5.90 -3.12 -5.13
C VAL A 144 -5.15 -2.82 -6.41
N VAL A 145 -5.07 -1.50 -6.77
CA VAL A 145 -4.33 -0.99 -7.89
C VAL A 145 -3.19 -0.16 -7.20
N VAL A 146 -1.98 -0.34 -7.66
CA VAL A 146 -0.85 0.43 -7.14
C VAL A 146 -0.18 1.11 -8.32
N ILE A 147 -0.12 2.44 -8.32
CA ILE A 147 0.60 3.22 -9.31
C ILE A 147 1.88 3.65 -8.63
N THR A 148 3.03 3.42 -9.27
CA THR A 148 4.28 3.75 -8.60
C THR A 148 5.33 4.24 -9.59
N LYS A 149 6.21 5.09 -9.06
CA LYS A 149 7.27 5.68 -9.85
C LYS A 149 8.47 5.92 -8.97
N HIS A 150 9.58 5.29 -9.35
CA HIS A 150 10.89 5.47 -8.75
C HIS A 150 11.75 6.31 -9.72
N ASN A 151 12.67 7.11 -9.19
N ASN A 151 12.67 7.11 -9.19
CA ASN A 151 13.60 7.84 -10.04
CA ASN A 151 13.52 7.95 -10.02
C ASN A 151 14.37 6.85 -10.92
C ASN A 151 14.25 7.18 -11.12
N ASP A 152 14.57 7.22 -12.20
N ASP A 152 14.61 5.91 -10.86
CA ASP A 152 15.39 6.44 -13.13
CA ASP A 152 15.46 5.09 -11.73
C ASP A 152 14.64 5.21 -13.62
C ASP A 152 14.65 4.20 -12.67
N ASP A 153 13.34 5.15 -13.34
N ASP A 153 13.33 4.36 -12.73
CA ASP A 153 12.52 4.06 -13.83
CA ASP A 153 12.48 3.54 -13.58
C ASP A 153 11.22 4.69 -14.30
C ASP A 153 11.31 4.40 -14.09
N GLU A 154 10.41 3.91 -14.99
N GLU A 154 10.46 3.77 -14.92
CA GLU A 154 9.17 4.46 -15.49
CA GLU A 154 9.23 4.36 -15.44
C GLU A 154 8.02 4.12 -14.54
C GLU A 154 8.05 4.18 -14.47
N GLN A 155 6.92 4.80 -14.77
CA GLN A 155 5.72 4.64 -13.97
C GLN A 155 5.04 3.31 -14.33
N TYR A 156 4.67 2.55 -13.30
N TYR A 156 4.64 2.54 -13.31
CA TYR A 156 4.02 1.26 -13.45
CA TYR A 156 4.05 1.21 -13.47
C TYR A 156 2.67 1.27 -12.77
C TYR A 156 2.75 1.14 -12.69
N ALA A 157 1.80 0.33 -13.22
CA ALA A 157 0.57 -0.04 -12.55
C ALA A 157 0.62 -1.51 -12.21
N TRP A 158 0.46 -1.84 -10.94
CA TRP A 158 0.31 -3.18 -10.41
C TRP A 158 -1.13 -3.35 -9.98
N GLU A 159 -1.72 -4.53 -10.20
CA GLU A 159 -3.07 -4.76 -9.74
C GLU A 159 -3.25 -6.20 -9.29
N SER A 160 -4.08 -6.41 -8.27
CA SER A 160 -4.42 -7.76 -7.84
C SER A 160 -5.81 -7.72 -7.21
N SER A 161 -6.62 -8.70 -7.61
CA SER A 161 -7.84 -9.05 -6.90
C SER A 161 -7.65 -10.37 -6.17
N ALA A 162 -6.43 -10.66 -5.76
CA ALA A 162 -6.08 -11.91 -5.09
C ALA A 162 -6.34 -13.07 -6.06
N GLY A 163 -6.74 -14.21 -5.54
CA GLY A 163 -6.90 -15.36 -6.40
C GLY A 163 -5.58 -15.89 -6.96
N GLY A 164 -4.45 -15.50 -6.37
CA GLY A 164 -3.17 -16.07 -6.67
C GLY A 164 -2.37 -15.34 -7.72
N SER A 165 -2.92 -14.25 -8.27
CA SER A 165 -2.19 -13.57 -9.40
C SER A 165 -2.22 -12.04 -9.27
N PHE A 166 -1.23 -11.41 -9.89
CA PHE A 166 -1.18 -9.99 -10.05
C PHE A 166 -0.68 -9.64 -11.43
N THR A 167 -0.95 -8.39 -11.85
CA THR A 167 -0.44 -7.92 -13.11
C THR A 167 0.42 -6.70 -12.90
N VAL A 168 1.36 -6.50 -13.85
CA VAL A 168 2.16 -5.30 -13.95
C VAL A 168 2.15 -4.82 -15.39
N ARG A 169 1.97 -3.50 -15.57
N ARG A 169 1.96 -3.50 -15.57
CA ARG A 169 2.01 -2.89 -16.90
CA ARG A 169 2.10 -2.89 -16.88
C ARG A 169 2.62 -1.49 -16.77
C ARG A 169 2.76 -1.53 -16.73
N ALA A 170 3.34 -1.05 -17.82
CA ALA A 170 3.74 0.35 -17.91
C ALA A 170 2.48 1.21 -17.86
N ASP A 171 2.52 2.29 -17.05
CA ASP A 171 1.34 3.11 -16.84
C ASP A 171 1.55 4.42 -17.60
N HIS A 172 0.66 4.68 -18.56
CA HIS A 172 0.74 5.91 -19.34
C HIS A 172 -0.29 6.93 -18.89
N GLY A 173 -0.92 6.71 -17.72
CA GLY A 173 -1.79 7.69 -17.10
C GLY A 173 -1.05 8.94 -16.61
N GLU A 174 -1.77 9.72 -15.80
N GLU A 174 -1.75 9.71 -15.78
CA GLU A 174 -1.26 10.97 -15.23
CA GLU A 174 -1.23 10.99 -15.33
C GLU A 174 0.05 10.64 -14.51
C GLU A 174 0.00 10.72 -14.48
N PRO A 175 1.18 11.30 -14.85
CA PRO A 175 2.40 11.13 -14.08
C PRO A 175 2.21 11.51 -12.62
N ILE A 176 2.73 10.68 -11.70
CA ILE A 176 2.73 11.01 -10.29
C ILE A 176 4.05 11.66 -9.83
N GLY A 177 5.07 11.70 -10.70
CA GLY A 177 6.33 12.37 -10.40
C GLY A 177 7.30 11.42 -9.72
N ARG A 178 6.91 11.02 -8.51
CA ARG A 178 7.65 10.04 -7.73
C ARG A 178 6.78 9.61 -6.55
N GLY A 179 6.77 8.31 -6.24
CA GLY A 179 6.09 7.79 -5.06
C GLY A 179 5.16 6.65 -5.43
N THR A 180 4.11 6.49 -4.63
CA THR A 180 3.18 5.40 -4.81
C THR A 180 1.77 5.85 -4.46
N LYS A 181 0.81 5.46 -5.33
N LYS A 181 0.81 5.33 -5.23
CA LYS A 181 -0.61 5.56 -5.02
CA LYS A 181 -0.60 5.59 -5.02
C LYS A 181 -1.11 4.14 -4.81
C LYS A 181 -1.28 4.23 -4.89
N VAL A 182 -1.72 3.90 -3.66
CA VAL A 182 -2.38 2.66 -3.35
C VAL A 182 -3.89 2.93 -3.44
N ILE A 183 -4.52 2.31 -4.42
CA ILE A 183 -5.95 2.52 -4.67
C ILE A 183 -6.75 1.30 -4.20
N LEU A 184 -7.52 1.43 -3.12
CA LEU A 184 -8.28 0.34 -2.54
C LEU A 184 -9.68 0.38 -3.08
N HIS A 185 -10.05 -0.64 -3.86
CA HIS A 185 -11.41 -0.79 -4.35
C HIS A 185 -12.17 -1.56 -3.28
N LEU A 186 -12.95 -0.84 -2.47
CA LEU A 186 -13.50 -1.39 -1.25
C LEU A 186 -14.59 -2.41 -1.54
N LYS A 187 -14.62 -3.43 -0.68
CA LYS A 187 -15.75 -4.36 -0.60
C LYS A 187 -17.01 -3.62 -0.21
N GLU A 188 -18.17 -4.17 -0.64
CA GLU A 188 -19.45 -3.47 -0.49
C GLU A 188 -19.78 -3.13 0.96
N ASP A 189 -19.37 -4.00 1.90
CA ASP A 189 -19.70 -3.79 3.29
C ASP A 189 -18.63 -3.02 4.04
N GLN A 190 -17.62 -2.48 3.32
CA GLN A 190 -16.53 -1.77 3.99
C GLN A 190 -16.51 -0.29 3.62
N THR A 191 -17.65 0.30 3.21
CA THR A 191 -17.70 1.68 2.79
C THR A 191 -17.61 2.68 3.95
N GLU A 192 -17.58 2.21 5.22
CA GLU A 192 -17.34 3.13 6.32
C GLU A 192 -16.01 3.87 6.12
N TYR A 193 -15.06 3.22 5.44
CA TYR A 193 -13.71 3.81 5.32
C TYR A 193 -13.67 4.88 4.22
N LEU A 194 -14.82 5.23 3.62
CA LEU A 194 -14.95 6.45 2.81
C LEU A 194 -15.43 7.63 3.63
N GLU A 195 -15.84 7.46 4.88
CA GLU A 195 -16.61 8.46 5.62
C GLU A 195 -15.62 9.23 6.48
N GLU A 196 -15.92 10.54 6.63
CA GLU A 196 -14.96 11.50 7.15
C GLU A 196 -14.55 11.18 8.57
N ARG A 197 -15.57 11.05 9.43
N ARG A 197 -15.53 11.04 9.48
CA ARG A 197 -15.36 10.84 10.84
CA ARG A 197 -15.23 10.88 10.89
C ARG A 197 -14.54 9.55 11.01
C ARG A 197 -14.63 9.50 11.11
N ARG A 198 -14.87 8.53 10.21
CA ARG A 198 -14.29 7.19 10.39
C ARG A 198 -12.81 7.20 10.06
N VAL A 199 -12.42 7.73 8.90
CA VAL A 199 -11.01 7.74 8.54
C VAL A 199 -10.20 8.53 9.57
N LYS A 200 -10.75 9.69 9.99
CA LYS A 200 -10.08 10.54 10.96
C LYS A 200 -9.87 9.79 12.28
N GLU A 201 -10.91 9.08 12.71
CA GLU A 201 -10.84 8.30 13.94
C GLU A 201 -9.73 7.26 13.88
N VAL A 202 -9.65 6.55 12.76
CA VAL A 202 -8.65 5.49 12.61
C VAL A 202 -7.24 6.05 12.58
N VAL A 203 -7.01 7.14 11.84
CA VAL A 203 -5.71 7.80 11.77
C VAL A 203 -5.28 8.28 13.14
N LYS A 204 -6.18 8.91 13.88
N LYS A 204 -6.19 8.93 13.87
CA LYS A 204 -5.86 9.44 15.20
CA LYS A 204 -5.89 9.45 15.20
C LYS A 204 -5.49 8.33 16.18
C LYS A 204 -5.50 8.34 16.18
N LYS A 205 -6.20 7.20 16.07
CA LYS A 205 -6.01 6.08 16.98
C LYS A 205 -4.67 5.42 16.77
N HIS A 206 -4.28 5.15 15.51
CA HIS A 206 -3.16 4.24 15.23
C HIS A 206 -1.94 4.90 14.54
N SER A 207 -2.06 6.12 14.01
CA SER A 207 -1.03 6.73 13.19
C SER A 207 -0.74 8.18 13.62
N GLN A 208 -0.83 8.47 14.92
CA GLN A 208 -0.82 9.84 15.44
C GLN A 208 0.54 10.52 15.35
N PHE A 209 1.66 9.75 15.35
CA PHE A 209 3.00 10.36 15.37
C PHE A 209 3.82 10.18 14.10
N ILE A 210 3.18 9.90 12.99
CA ILE A 210 3.90 9.79 11.73
C ILE A 210 4.52 11.14 11.38
N GLY A 211 5.77 11.12 10.93
CA GLY A 211 6.58 12.30 10.76
C GLY A 211 6.47 13.01 9.42
N TYR A 212 5.27 12.94 8.78
CA TYR A 212 5.01 13.53 7.48
C TYR A 212 3.57 14.01 7.54
N PRO A 213 3.20 15.09 6.85
CA PRO A 213 1.81 15.55 6.89
C PRO A 213 0.87 14.59 6.20
N ILE A 214 -0.17 14.18 6.92
CA ILE A 214 -1.24 13.32 6.43
C ILE A 214 -2.48 14.19 6.21
N THR A 215 -2.87 14.38 4.95
CA THR A 215 -4.05 15.17 4.65
C THR A 215 -5.19 14.20 4.35
N LEU A 216 -6.28 14.32 5.08
CA LEU A 216 -7.48 13.53 4.89
C LEU A 216 -8.44 14.37 4.06
N TYR A 217 -8.59 13.99 2.78
CA TYR A 217 -9.47 14.70 1.88
C TYR A 217 -10.91 14.33 2.23
N LEU A 218 -11.84 15.24 1.88
CA LEU A 218 -13.29 15.00 1.95
C LEU A 218 -13.90 14.75 0.59
N GLU A 219 -15.00 13.95 0.54
CA GLU A 219 -15.86 13.89 -0.65
C GLU A 219 -16.44 15.24 -1.05
N LYS A 220 -16.61 15.47 -2.35
CA LYS A 220 -17.18 16.71 -2.87
C LYS A 220 -18.72 16.69 -2.83
N GLU A 221 -19.32 15.51 -2.97
CA GLU A 221 -20.77 15.32 -2.95
C GLU A 221 -21.21 15.08 -1.50
C1 A1A24 B . 8.14 -0.19 -1.39
C2 A1A24 B . 9.13 0.66 -1.93
C3 A1A24 B . 6.97 1.81 -1.33
C4 A1A24 B . 6.97 0.39 -1.08
C5 A1A24 B . 5.78 -1.51 -0.13
C6 A1A24 B . 5.28 -2.46 -0.95
C7 A1A24 B . 5.21 -3.82 -0.51
N1 A1A24 B . 5.79 -0.11 -0.53
N2 A1A24 B . 3.81 2.87 -0.30
N3 A1A24 B . 5.92 2.64 -1.13
N4 A1A24 B . 4.73 -4.84 -1.35
C8 A1A24 B . 5.55 -4.10 0.74
C10 A1A24 B . 6.13 -1.83 1.22
C11 A1A24 B . 4.75 0.66 -0.29
C12 A1A24 B . 4.88 2.10 -0.59
C13 A1A24 B . 10.49 0.35 -2.27
C14 A1A24 B . 4.70 -6.17 -0.82
C15 A1A24 B . 5.44 -6.35 0.39
C16 A1A24 B . 4.18 -4.65 -2.64
C17 A1A24 B . 4.73 -5.23 -3.70
C18 A1A24 B . 4.10 -5.04 -5.01
C19 A1A24 B . 3.01 -4.31 -5.15
C20 A1A24 B . 2.40 -3.72 -3.96
C21 A1A24 B . 3.04 -3.84 -2.77
C22 A1A24 B . 11.71 -0.53 -0.29
C23 A1A24 B . 10.60 -1.20 0.37
C24 A1A24 B . 10.78 -2.17 1.42
C25 A1A24 B . 12.97 -1.35 1.75
C26 A1A24 B . 12.79 -0.18 0.76
C27 A1A24 B . 11.62 -2.39 3.62
C28 A1A24 B . 12.02 -3.88 3.58
C29 A1A24 B . 12.36 -4.34 5.01
C30 A1A24 B . 10.90 -4.78 3.10
C31 A1A24 B . 14.07 -6.22 4.61
C32 A1A24 B . 13.03 -7.76 5.67
C33 A1A24 B . 9.63 -4.76 3.85
C34 A1A24 B . 8.64 -5.56 3.43
C35 A1A24 B . 8.86 -6.39 2.20
C36 A1A24 B . 9.96 -6.44 1.53
C37 A1A24 B . 11.05 -5.56 2.00
C9 A1A24 B . 6.09 -3.10 1.63
F1 A1A24 B . 9.48 -3.97 4.96
F2 A1A24 B . 7.83 -7.21 1.88
N5 A1A24 B . 11.26 0.64 -1.05
N6 A1A24 B . 11.70 -1.60 2.40
N7 A1A24 B . 12.86 -5.72 5.10
N8 A1A24 B . 14.15 -7.46 5.00
N9 A1A24 B . 12.15 -6.73 5.77
O1 A1A24 B . 3.66 0.23 0.28
O2 A1A24 B . 5.52 -5.38 1.35
O3 A1A24 B . 13.17 -4.13 2.80
S1 A1A24 B . 8.48 2.27 -2.02
H1 A1A24 B . 8.29 -1.09 -1.23
H2 A1A24 B . 5.03 -2.19 -1.81
H6 A1A24 B . 3.08 2.52 0.00
H5 A1A24 B . 3.84 3.72 -0.40
H4 A1A24 B . 6.45 -1.17 1.79
H7 A1A24 B . 10.78 0.93 -2.98
H8 A1A24 B . 10.57 -0.58 -2.54
H10 A1A24 B . 3.77 -6.40 -0.64
H9 A1A24 B . 5.05 -6.80 -1.47
H12 A1A24 B . 5.08 -7.14 0.82
H11 A1A24 B . 6.34 -6.51 0.08
H13 A1A24 B . 5.49 -5.75 -3.61
H14 A1A24 B . 4.48 -5.44 -5.75
H15 A1A24 B . 2.62 -4.18 -5.98
H16 A1A24 B . 1.66 -3.17 -4.03
H17 A1A24 B . 2.65 -3.48 -2.01
H19 A1A24 B . 12.11 -1.17 -0.90
H21 A1A24 B . 9.97 -0.54 0.71
H20 A1A24 B . 10.16 -1.71 -0.32
H23 A1A24 B . 9.92 -2.38 1.81
H22 A1A24 B . 11.16 -2.96 0.99
H24 A1A24 B . 13.33 -2.13 1.29
H25 A1A24 B . 13.59 -1.03 2.42
H27 A1A24 B . 13.64 -0.04 0.30
H26 A1A24 B . 12.55 0.62 1.24
H29 A1A24 B . 12.23 -1.95 4.23
H28 A1A24 B . 10.74 -2.26 3.99
H31 A1A24 B . 13.07 -3.77 5.30
H30 A1A24 B . 11.65 -4.22 5.65
H33 A1A24 B . 14.72 -5.75 4.15
H34 A1A24 B . 12.83 -8.60 6.01
H35 A1A24 B . 7.85 -5.57 3.87
H36 A1A24 B . 10.05 -6.98 0.79
H37 A1A24 B . 11.84 -5.58 1.50
H3 A1A24 B . 6.32 -3.33 2.50
H39 A1A24 B . 11.99 1.07 -1.32
H18 A1A24 B . 10.82 1.21 -0.51
H38 A1A24 B . 11.37 -0.81 2.65
CL CL C . 5.02 -12.73 -4.62
CL CL D . 16.04 7.64 -6.05
#